data_3BUM
#
_entry.id   3BUM
#
_cell.length_a   122.256
_cell.length_b   122.256
_cell.length_c   54.707
_cell.angle_alpha   90.000
_cell.angle_beta   90.000
_cell.angle_gamma   120.000
#
_symmetry.space_group_name_H-M   'P 6'
#
loop_
_entity.id
_entity.type
_entity.pdbx_description
1 polymer 'Protein sprouty homolog 2'
2 polymer 'E3 ubiquitin-protein ligase CBL'
3 water water
#
loop_
_entity_poly.entity_id
_entity_poly.type
_entity_poly.pdbx_seq_one_letter_code
_entity_poly.pdbx_strand_id
1 'polypeptide(L)' IRNTNE(PTR)TEGPTV A
2 'polypeptide(L)'
;GSLIGLMKDAFQPHHHHHHHLSPHPPGTVDKKMVEKCWKLMDKVVRLCQNPKLALKNSPPYILDLLPDTYQHLRTILSRY
EGKMETLGENEYFRVFMENLMKKTKQTISLFKEGKERMYEENSQPRRNLTKLSLIFSHMLAELKGIFPSGLFQGDTFRIT
KADAAEFWRKAFGEKTIVPWKSFRQALHEVHPISSGLEAMALKSTIDLTCNDYISVFEFDIFTRLFQPWSSLLRNWNSLA
VTHPGYMAFLTYDEVKARLQKFIHKPGSYIFRLSCTRLGQWAIGYVTADGNILQTIPHNKPLFQALIDGFREGFYLFPDG
RNQNPDLTG
;
B
#
# COMPACT_ATOMS: atom_id res chain seq x y z
N THR A 4 -6.24 -3.66 -15.56
CA THR A 4 -6.06 -2.28 -15.13
C THR A 4 -7.38 -1.57 -14.81
N ASN A 5 -7.41 -0.86 -13.69
CA ASN A 5 -8.63 -0.15 -13.34
C ASN A 5 -8.72 1.18 -14.09
N GLU A 6 -9.93 1.67 -14.33
CA GLU A 6 -10.03 2.90 -15.07
C GLU A 6 -9.86 4.20 -14.29
N THR A 8 -9.53 8.23 -14.71
CA THR A 8 -9.86 9.26 -15.66
C THR A 8 -9.30 10.65 -15.35
N GLU A 9 -9.25 11.52 -16.35
CA GLU A 9 -8.77 12.87 -16.18
C GLU A 9 -9.41 13.61 -15.01
N GLY A 10 -8.63 14.46 -14.34
CA GLY A 10 -9.16 15.21 -13.21
C GLY A 10 -10.34 16.07 -13.63
N PRO A 11 -11.33 16.22 -12.75
CA PRO A 11 -12.53 17.02 -13.00
C PRO A 11 -12.19 18.46 -13.38
N THR A 12 -12.74 18.88 -14.52
CA THR A 12 -12.61 20.20 -15.11
C THR A 12 -11.20 20.85 -15.16
N PRO B 26 15.41 -12.00 11.15
CA PRO B 26 15.08 -13.17 10.30
C PRO B 26 16.35 -13.96 9.90
N GLY B 27 16.22 -15.28 9.87
CA GLY B 27 17.35 -16.12 9.52
C GLY B 27 17.67 -16.16 8.04
N THR B 28 18.76 -16.83 7.70
CA THR B 28 19.20 -16.95 6.32
C THR B 28 18.21 -17.63 5.37
N VAL B 29 18.11 -17.10 4.17
CA VAL B 29 17.23 -17.67 3.15
C VAL B 29 17.97 -18.61 2.22
N ASP B 30 17.37 -19.76 1.94
CA ASP B 30 17.97 -20.75 1.07
C ASP B 30 16.98 -21.33 0.06
N LYS B 31 17.42 -22.33 -0.69
CA LYS B 31 16.55 -22.93 -1.68
C LYS B 31 15.26 -23.48 -1.07
N LYS B 32 15.41 -24.42 -0.14
CA LYS B 32 14.27 -25.00 0.52
C LYS B 32 13.20 -23.97 0.92
N MET B 33 13.63 -22.88 1.55
CA MET B 33 12.70 -21.84 1.94
C MET B 33 11.92 -21.25 0.77
N VAL B 34 12.65 -20.82 -0.26
CA VAL B 34 12.00 -20.26 -1.42
C VAL B 34 10.98 -21.26 -1.99
N GLU B 35 11.30 -22.54 -1.84
CA GLU B 35 10.47 -23.62 -2.31
C GLU B 35 9.14 -23.74 -1.55
N LYS B 36 9.21 -23.78 -0.23
CA LYS B 36 8.00 -23.89 0.59
C LYS B 36 7.05 -22.74 0.34
N CYS B 37 7.61 -21.52 0.27
CA CYS B 37 6.81 -20.36 0.00
C CYS B 37 6.04 -20.51 -1.29
N TRP B 38 6.74 -20.90 -2.36
CA TRP B 38 6.08 -21.12 -3.63
C TRP B 38 4.93 -22.12 -3.50
N LYS B 39 5.13 -23.12 -2.64
CA LYS B 39 4.10 -24.13 -2.38
C LYS B 39 2.90 -23.56 -1.61
N LEU B 40 3.18 -22.65 -0.68
CA LEU B 40 2.14 -21.98 0.08
C LEU B 40 1.36 -21.01 -0.81
N MET B 41 2.10 -20.35 -1.70
CA MET B 41 1.50 -19.45 -2.65
C MET B 41 0.57 -20.20 -3.59
N ASP B 42 0.98 -21.41 -3.98
CA ASP B 42 0.16 -22.27 -4.84
C ASP B 42 -1.17 -22.65 -4.19
N LYS B 43 -1.13 -22.92 -2.89
CA LYS B 43 -2.33 -23.26 -2.13
C LYS B 43 -3.29 -22.06 -2.04
N VAL B 44 -2.73 -20.86 -1.87
CA VAL B 44 -3.54 -19.67 -1.81
C VAL B 44 -4.24 -19.45 -3.14
N VAL B 45 -3.51 -19.71 -4.23
CA VAL B 45 -4.08 -19.58 -5.53
C VAL B 45 -5.26 -20.56 -5.73
N ARG B 46 -5.04 -21.83 -5.42
CA ARG B 46 -6.12 -22.82 -5.57
C ARG B 46 -7.37 -22.38 -4.79
N LEU B 47 -7.14 -21.89 -3.58
CA LEU B 47 -8.19 -21.40 -2.71
C LEU B 47 -8.99 -20.23 -3.32
N CYS B 48 -8.27 -19.29 -3.94
CA CYS B 48 -8.89 -18.13 -4.54
C CYS B 48 -9.55 -18.35 -5.91
N GLN B 49 -9.34 -19.52 -6.49
CA GLN B 49 -9.97 -19.87 -7.76
C GLN B 49 -11.40 -20.40 -7.52
N ASN B 50 -11.77 -20.53 -6.25
CA ASN B 50 -13.10 -21.00 -5.92
C ASN B 50 -14.15 -20.10 -6.56
N PRO B 51 -15.02 -20.67 -7.41
CA PRO B 51 -16.07 -19.93 -8.09
C PRO B 51 -16.97 -19.09 -7.19
N LYS B 52 -17.20 -19.55 -5.95
CA LYS B 52 -18.06 -18.84 -5.01
C LYS B 52 -17.58 -17.44 -4.58
N LEU B 53 -16.28 -17.20 -4.70
CA LEU B 53 -15.69 -15.93 -4.34
C LEU B 53 -16.08 -14.80 -5.29
N ALA B 54 -16.32 -15.17 -6.55
CA ALA B 54 -16.68 -14.22 -7.58
C ALA B 54 -15.61 -13.13 -7.76
N LEU B 55 -14.36 -13.51 -7.55
CA LEU B 55 -13.25 -12.56 -7.67
C LEU B 55 -13.08 -11.90 -9.04
N LYS B 56 -13.03 -10.58 -9.05
CA LYS B 56 -12.81 -9.84 -10.29
C LYS B 56 -11.33 -9.69 -10.60
N ASN B 57 -10.97 -9.69 -11.88
CA ASN B 57 -9.58 -9.55 -12.29
C ASN B 57 -8.94 -8.18 -12.02
N SER B 58 -9.69 -7.26 -11.42
CA SER B 58 -9.14 -5.94 -11.19
C SER B 58 -8.09 -5.85 -10.06
N PRO B 59 -7.04 -5.04 -10.30
CA PRO B 59 -5.99 -4.87 -9.30
C PRO B 59 -6.62 -4.33 -8.00
N PRO B 60 -6.20 -4.85 -6.83
CA PRO B 60 -5.18 -5.89 -6.66
C PRO B 60 -5.80 -7.26 -6.87
N TYR B 61 -5.23 -8.04 -7.77
CA TYR B 61 -5.74 -9.34 -8.08
C TYR B 61 -4.78 -10.46 -7.68
N ILE B 62 -5.07 -11.08 -6.55
CA ILE B 62 -4.20 -12.11 -6.02
C ILE B 62 -3.86 -13.24 -7.02
N LEU B 63 -4.79 -13.56 -7.92
CA LEU B 63 -4.55 -14.58 -8.93
C LEU B 63 -3.43 -14.19 -9.91
N ASP B 64 -3.13 -12.89 -9.98
CA ASP B 64 -2.04 -12.37 -10.80
C ASP B 64 -0.77 -12.14 -9.96
N LEU B 65 -0.99 -11.54 -8.79
CA LEU B 65 0.08 -11.18 -7.87
C LEU B 65 1.00 -12.31 -7.36
N LEU B 66 0.42 -13.44 -6.95
CA LEU B 66 1.25 -14.54 -6.47
C LEU B 66 2.13 -15.13 -7.58
N PRO B 67 1.53 -15.43 -8.74
CA PRO B 67 2.28 -15.99 -9.86
C PRO B 67 3.38 -14.99 -10.26
N ASP B 68 3.03 -13.70 -10.28
CA ASP B 68 4.02 -12.68 -10.61
C ASP B 68 5.14 -12.60 -9.56
N THR B 69 4.77 -12.81 -8.31
CA THR B 69 5.72 -12.79 -7.22
C THR B 69 6.67 -13.98 -7.37
N TYR B 70 6.09 -15.12 -7.74
CA TYR B 70 6.88 -16.31 -8.01
C TYR B 70 7.89 -16.03 -9.16
N GLN B 71 7.38 -15.45 -10.24
CA GLN B 71 8.19 -15.13 -11.38
C GLN B 71 9.38 -14.21 -11.07
N HIS B 72 9.15 -13.15 -10.28
CA HIS B 72 10.26 -12.27 -9.93
C HIS B 72 11.25 -12.96 -8.99
N LEU B 73 10.74 -13.80 -8.09
CA LEU B 73 11.61 -14.55 -7.21
C LEU B 73 12.48 -15.51 -8.03
N ARG B 74 11.89 -16.00 -9.11
CA ARG B 74 12.57 -16.89 -10.02
C ARG B 74 13.70 -16.16 -10.75
N THR B 75 13.42 -14.90 -11.07
CA THR B 75 14.38 -14.01 -11.73
C THR B 75 15.54 -13.66 -10.81
N ILE B 76 15.24 -13.40 -9.54
CA ILE B 76 16.27 -13.09 -8.58
C ILE B 76 17.22 -14.27 -8.37
N LEU B 77 16.65 -15.47 -8.24
CA LEU B 77 17.46 -16.67 -8.08
C LEU B 77 18.35 -16.95 -9.30
N SER B 78 17.78 -16.82 -10.50
CA SER B 78 18.53 -17.03 -11.72
C SER B 78 19.73 -16.09 -11.83
N ARG B 79 19.56 -14.87 -11.34
CA ARG B 79 20.65 -13.93 -11.40
C ARG B 79 21.63 -14.03 -10.22
N TYR B 80 21.32 -14.93 -9.30
CA TYR B 80 22.19 -15.18 -8.17
C TYR B 80 22.74 -16.61 -8.17
N GLU B 81 22.64 -17.27 -9.33
CA GLU B 81 23.15 -18.62 -9.51
C GLU B 81 24.58 -18.75 -9.00
N GLY B 82 24.80 -19.59 -8.01
CA GLY B 82 26.14 -19.73 -7.47
C GLY B 82 26.31 -18.85 -6.25
N LYS B 83 26.24 -17.53 -6.43
CA LYS B 83 26.39 -16.61 -5.33
C LYS B 83 25.16 -16.57 -4.42
N MET B 84 24.52 -17.74 -4.27
CA MET B 84 23.34 -17.88 -3.46
C MET B 84 23.54 -17.56 -1.97
N GLU B 85 24.77 -17.70 -1.49
CA GLU B 85 25.04 -17.40 -0.10
C GLU B 85 24.84 -15.90 0.13
N THR B 86 25.30 -15.11 -0.84
CA THR B 86 25.15 -13.67 -0.77
C THR B 86 23.67 -13.30 -0.58
N LEU B 87 22.85 -13.75 -1.51
CA LEU B 87 21.43 -13.49 -1.47
C LEU B 87 20.79 -13.91 -0.15
N GLY B 88 21.11 -15.13 0.29
CA GLY B 88 20.58 -15.65 1.53
C GLY B 88 20.97 -14.80 2.73
N GLU B 89 22.11 -14.14 2.65
CA GLU B 89 22.60 -13.29 3.71
C GLU B 89 22.05 -11.86 3.65
N ASN B 90 21.52 -11.47 2.49
CA ASN B 90 20.95 -10.14 2.33
C ASN B 90 19.84 -9.88 3.38
N GLU B 91 19.99 -8.79 4.12
CA GLU B 91 19.06 -8.43 5.17
C GLU B 91 17.61 -8.18 4.70
N TYR B 92 17.45 -7.38 3.66
CA TYR B 92 16.13 -7.11 3.12
C TYR B 92 15.45 -8.38 2.59
N PHE B 93 16.18 -9.18 1.82
CA PHE B 93 15.63 -10.42 1.29
C PHE B 93 15.14 -11.38 2.37
N ARG B 94 15.94 -11.57 3.41
CA ARG B 94 15.54 -12.43 4.49
C ARG B 94 14.21 -11.97 5.10
N VAL B 95 14.13 -10.67 5.39
CA VAL B 95 12.91 -10.10 5.94
C VAL B 95 11.70 -10.28 5.01
N PHE B 96 11.90 -9.97 3.73
CA PHE B 96 10.87 -10.13 2.75
C PHE B 96 10.37 -11.57 2.68
N MET B 97 11.29 -12.52 2.55
CA MET B 97 10.87 -13.92 2.48
C MET B 97 10.15 -14.39 3.76
N GLU B 98 10.61 -13.92 4.91
CA GLU B 98 9.95 -14.24 6.14
C GLU B 98 8.52 -13.71 6.15
N ASN B 99 8.35 -12.49 5.63
CA ASN B 99 7.05 -11.88 5.57
C ASN B 99 6.12 -12.57 4.58
N LEU B 100 6.67 -12.94 3.43
CA LEU B 100 5.92 -13.63 2.41
C LEU B 100 5.34 -14.96 2.93
N MET B 101 6.19 -15.73 3.59
CA MET B 101 5.74 -16.98 4.18
C MET B 101 4.63 -16.74 5.21
N LYS B 102 4.84 -15.72 6.04
CA LYS B 102 3.90 -15.35 7.08
C LYS B 102 2.54 -14.91 6.51
N LYS B 103 2.59 -14.09 5.45
CA LYS B 103 1.39 -13.62 4.81
C LYS B 103 0.62 -14.68 4.06
N THR B 104 1.34 -15.62 3.44
CA THR B 104 0.70 -16.69 2.72
C THR B 104 0.00 -17.64 3.70
N LYS B 105 0.64 -17.89 4.84
CA LYS B 105 0.07 -18.73 5.87
C LYS B 105 -1.17 -18.08 6.49
N GLN B 106 -1.11 -16.76 6.71
CA GLN B 106 -2.26 -16.04 7.26
C GLN B 106 -3.46 -16.19 6.34
N THR B 107 -3.22 -16.05 5.04
CA THR B 107 -4.25 -16.16 4.04
C THR B 107 -4.90 -17.56 4.04
N ILE B 108 -4.08 -18.59 4.15
CA ILE B 108 -4.59 -19.96 4.20
C ILE B 108 -5.47 -20.18 5.44
N SER B 109 -4.99 -19.69 6.59
CA SER B 109 -5.71 -19.80 7.84
C SER B 109 -7.04 -19.03 7.84
N LEU B 110 -7.06 -17.91 7.12
CA LEU B 110 -8.26 -17.11 7.02
C LEU B 110 -9.36 -17.89 6.30
N PHE B 111 -8.99 -18.54 5.20
CA PHE B 111 -9.92 -19.34 4.42
C PHE B 111 -10.54 -20.50 5.20
N LYS B 112 -9.69 -21.18 5.96
CA LYS B 112 -10.11 -22.30 6.78
C LYS B 112 -10.98 -21.92 7.98
N GLU B 113 -10.53 -20.94 8.75
CA GLU B 113 -11.27 -20.50 9.91
C GLU B 113 -12.49 -19.61 9.59
N GLY B 114 -12.58 -19.16 8.34
CA GLY B 114 -13.69 -18.35 7.91
C GLY B 114 -14.73 -19.21 7.20
N LYS B 115 -14.28 -20.41 6.80
CA LYS B 115 -15.14 -21.36 6.13
C LYS B 115 -16.10 -20.75 5.12
N GLU B 116 -17.37 -21.10 5.22
CA GLU B 116 -18.35 -20.59 4.29
C GLU B 116 -18.55 -19.07 4.34
N ARG B 117 -17.97 -18.41 5.34
CA ARG B 117 -18.10 -16.97 5.47
C ARG B 117 -17.28 -16.15 4.48
N MET B 118 -16.38 -16.82 3.76
CA MET B 118 -15.54 -16.17 2.78
C MET B 118 -16.28 -15.77 1.52
N TYR B 119 -17.44 -16.39 1.29
CA TYR B 119 -18.21 -16.10 0.11
C TYR B 119 -19.26 -15.02 0.29
N GLU B 120 -19.47 -14.64 1.55
CA GLU B 120 -20.41 -13.59 1.86
C GLU B 120 -19.79 -12.22 1.67
N GLU B 121 -20.26 -11.47 0.68
CA GLU B 121 -19.72 -10.16 0.47
C GLU B 121 -19.98 -9.23 1.65
N ASN B 122 -18.98 -8.42 1.99
CA ASN B 122 -19.08 -7.50 3.08
C ASN B 122 -18.92 -8.16 4.46
N SER B 123 -18.57 -9.45 4.47
CA SER B 123 -18.32 -10.15 5.72
C SER B 123 -16.90 -9.85 6.17
N GLN B 124 -16.63 -9.85 7.46
CA GLN B 124 -15.27 -9.56 7.87
C GLN B 124 -14.20 -10.43 7.21
N PRO B 125 -14.36 -11.77 7.24
CA PRO B 125 -13.39 -12.69 6.64
C PRO B 125 -13.04 -12.30 5.20
N ARG B 126 -14.05 -11.96 4.42
CA ARG B 126 -13.82 -11.55 3.07
C ARG B 126 -13.07 -10.21 3.01
N ARG B 127 -13.48 -9.24 3.84
CA ARG B 127 -12.77 -7.97 3.86
C ARG B 127 -11.28 -8.21 4.12
N ASN B 128 -10.98 -9.16 5.00
CA ASN B 128 -9.61 -9.50 5.32
C ASN B 128 -8.82 -9.97 4.10
N LEU B 129 -9.44 -10.80 3.28
CA LEU B 129 -8.82 -11.30 2.06
C LEU B 129 -8.50 -10.17 1.09
N THR B 130 -9.36 -9.15 1.06
CA THR B 130 -9.12 -8.01 0.21
C THR B 130 -7.88 -7.25 0.69
N LYS B 131 -7.82 -7.01 2.01
CA LYS B 131 -6.69 -6.34 2.59
C LYS B 131 -5.39 -7.09 2.34
N LEU B 132 -5.44 -8.42 2.47
CA LEU B 132 -4.27 -9.24 2.20
C LEU B 132 -3.86 -9.16 0.72
N SER B 133 -4.84 -9.02 -0.17
CA SER B 133 -4.55 -8.89 -1.57
C SER B 133 -3.74 -7.61 -1.83
N LEU B 134 -4.18 -6.54 -1.19
CA LEU B 134 -3.51 -5.28 -1.28
C LEU B 134 -2.06 -5.40 -0.73
N ILE B 135 -1.92 -6.08 0.40
CA ILE B 135 -0.61 -6.28 0.98
C ILE B 135 0.35 -7.06 0.03
N PHE B 136 -0.17 -8.09 -0.63
CA PHE B 136 0.65 -8.85 -1.57
C PHE B 136 1.11 -7.94 -2.71
N SER B 137 0.21 -7.02 -3.07
CA SER B 137 0.49 -6.07 -4.12
C SER B 137 1.64 -5.12 -3.72
N HIS B 138 1.54 -4.58 -2.51
CA HIS B 138 2.54 -3.69 -1.96
C HIS B 138 3.88 -4.41 -1.80
N MET B 139 3.83 -5.70 -1.47
CA MET B 139 5.03 -6.49 -1.31
C MET B 139 5.74 -6.72 -2.62
N LEU B 140 4.97 -7.07 -3.64
CA LEU B 140 5.52 -7.30 -4.97
C LEU B 140 6.15 -6.03 -5.52
N ALA B 141 5.48 -4.90 -5.30
CA ALA B 141 6.00 -3.62 -5.73
C ALA B 141 7.34 -3.28 -5.05
N GLU B 142 7.40 -3.54 -3.74
CA GLU B 142 8.60 -3.30 -2.96
C GLU B 142 9.79 -4.17 -3.43
N LEU B 143 9.50 -5.45 -3.69
CA LEU B 143 10.51 -6.39 -4.16
C LEU B 143 11.10 -5.96 -5.51
N LYS B 144 10.25 -5.43 -6.37
CA LYS B 144 10.69 -4.95 -7.66
C LYS B 144 11.42 -3.60 -7.57
N GLY B 145 11.17 -2.87 -6.50
CA GLY B 145 11.83 -1.59 -6.31
C GLY B 145 13.23 -1.83 -5.76
N ILE B 146 13.36 -2.84 -4.92
CA ILE B 146 14.64 -3.20 -4.32
C ILE B 146 15.45 -4.16 -5.21
N PHE B 147 14.74 -5.05 -5.92
CA PHE B 147 15.36 -6.02 -6.81
C PHE B 147 14.96 -5.80 -8.30
N PRO B 148 15.15 -4.59 -8.82
CA PRO B 148 14.78 -4.36 -10.21
C PRO B 148 15.71 -5.23 -11.08
N SER B 149 15.15 -5.86 -12.10
CA SER B 149 15.94 -6.73 -12.97
C SER B 149 16.51 -7.97 -12.25
N GLY B 150 16.05 -8.21 -11.02
CA GLY B 150 16.51 -9.37 -10.28
C GLY B 150 17.74 -9.21 -9.39
N LEU B 151 18.43 -8.08 -9.48
CA LEU B 151 19.61 -7.85 -8.65
C LEU B 151 19.42 -6.79 -7.57
N PHE B 152 19.92 -7.07 -6.37
CA PHE B 152 19.77 -6.15 -5.24
C PHE B 152 20.32 -4.76 -5.48
N GLN B 153 19.50 -3.77 -5.18
CA GLN B 153 19.91 -2.39 -5.34
C GLN B 153 19.34 -1.48 -4.28
N GLY B 154 18.98 -2.06 -3.14
CA GLY B 154 18.43 -1.28 -2.06
C GLY B 154 19.43 -0.26 -1.55
N ASP B 155 20.72 -0.59 -1.67
CA ASP B 155 21.74 0.32 -1.21
C ASP B 155 21.86 1.59 -2.04
N THR B 156 21.29 1.54 -3.25
CA THR B 156 21.33 2.68 -4.15
C THR B 156 19.95 3.24 -4.51
N PHE B 157 18.94 2.84 -3.76
CA PHE B 157 17.58 3.31 -3.99
C PHE B 157 17.45 4.84 -4.05
N ARG B 158 16.70 5.34 -5.02
CA ARG B 158 16.51 6.76 -5.18
C ARG B 158 15.28 7.34 -4.49
N ILE B 159 15.43 7.83 -3.25
CA ILE B 159 14.28 8.44 -2.61
C ILE B 159 13.86 9.68 -3.43
N THR B 160 12.59 9.69 -3.81
CA THR B 160 12.02 10.70 -4.67
C THR B 160 12.04 12.18 -4.24
N LYS B 161 11.94 12.44 -2.94
CA LYS B 161 11.99 13.81 -2.44
C LYS B 161 13.34 14.10 -1.79
N ALA B 162 14.05 15.11 -2.29
CA ALA B 162 15.37 15.46 -1.80
C ALA B 162 15.48 15.59 -0.28
N ASP B 163 14.50 16.24 0.36
CA ASP B 163 14.50 16.38 1.82
C ASP B 163 14.41 15.04 2.52
N ALA B 164 13.46 14.22 2.07
CA ALA B 164 13.27 12.90 2.64
C ALA B 164 14.51 12.04 2.46
N ALA B 165 15.12 12.13 1.28
CA ALA B 165 16.32 11.38 0.98
C ALA B 165 17.45 11.68 1.95
N GLU B 166 17.65 12.98 2.19
CA GLU B 166 18.68 13.45 3.09
C GLU B 166 18.50 12.91 4.49
N PHE B 167 17.25 12.92 4.95
CA PHE B 167 16.95 12.43 6.25
C PHE B 167 17.30 10.96 6.40
N TRP B 168 16.99 10.16 5.38
CA TRP B 168 17.26 8.74 5.45
C TRP B 168 18.75 8.38 5.45
N ARG B 169 19.54 8.98 4.55
CA ARG B 169 20.96 8.67 4.52
C ARG B 169 21.66 9.10 5.83
N LYS B 170 21.31 10.28 6.30
CA LYS B 170 21.86 10.81 7.51
C LYS B 170 21.56 9.96 8.75
N ALA B 171 20.36 9.37 8.80
CA ALA B 171 19.98 8.56 9.95
C ALA B 171 20.18 7.07 9.78
N PHE B 172 20.15 6.59 8.55
CA PHE B 172 20.31 5.16 8.30
C PHE B 172 21.36 4.81 7.24
N GLY B 173 22.02 5.83 6.71
CA GLY B 173 23.01 5.60 5.68
C GLY B 173 22.39 4.99 4.44
N GLU B 174 22.98 3.90 3.97
CA GLU B 174 22.50 3.19 2.79
C GLU B 174 21.69 1.93 3.12
N LYS B 175 21.30 1.78 4.39
CA LYS B 175 20.51 0.63 4.77
C LYS B 175 19.20 0.58 4.00
N THR B 176 18.72 -0.62 3.70
CA THR B 176 17.48 -0.79 2.96
C THR B 176 16.24 -1.01 3.84
N ILE B 177 16.46 -1.55 5.02
CA ILE B 177 15.38 -1.80 5.93
C ILE B 177 15.77 -1.55 7.40
N VAL B 178 14.83 -1.06 8.20
CA VAL B 178 15.06 -0.82 9.61
C VAL B 178 13.83 -1.15 10.47
N PRO B 179 14.05 -1.56 11.73
CA PRO B 179 12.93 -1.88 12.62
C PRO B 179 12.02 -0.65 12.78
N TRP B 180 10.73 -0.88 13.03
CA TRP B 180 9.80 0.22 13.24
C TRP B 180 10.27 1.19 14.32
N LYS B 181 10.59 0.63 15.49
CA LYS B 181 11.05 1.41 16.62
C LYS B 181 12.21 2.33 16.24
N SER B 182 13.21 1.73 15.60
CA SER B 182 14.34 2.47 15.15
C SER B 182 13.92 3.64 14.23
N PHE B 183 13.00 3.37 13.33
CA PHE B 183 12.50 4.39 12.42
C PHE B 183 11.72 5.50 13.13
N ARG B 184 10.79 5.09 13.98
CA ARG B 184 9.98 6.03 14.73
C ARG B 184 10.85 7.04 15.53
N GLN B 185 11.84 6.51 16.26
CA GLN B 185 12.75 7.33 17.04
C GLN B 185 13.47 8.39 16.21
N ALA B 186 14.03 7.95 15.08
CA ALA B 186 14.72 8.88 14.19
C ALA B 186 13.81 9.94 13.58
N LEU B 187 12.60 9.55 13.19
CA LEU B 187 11.67 10.51 12.62
C LEU B 187 11.22 11.55 13.62
N HIS B 188 10.95 11.09 14.84
CA HIS B 188 10.48 11.93 15.92
C HIS B 188 11.41 13.10 16.25
N GLU B 189 12.72 12.87 16.13
CA GLU B 189 13.68 13.92 16.41
C GLU B 189 13.51 15.11 15.46
N VAL B 190 13.11 14.81 14.22
CA VAL B 190 12.90 15.84 13.19
C VAL B 190 11.42 16.26 13.06
N HIS B 191 10.54 15.27 13.07
CA HIS B 191 9.10 15.45 13.00
C HIS B 191 8.42 14.80 14.21
N PRO B 192 8.22 15.57 15.30
CA PRO B 192 7.60 15.06 16.53
C PRO B 192 6.26 14.39 16.40
N ILE B 193 6.21 13.15 16.86
CA ILE B 193 5.00 12.37 16.87
C ILE B 193 4.25 12.72 18.18
N SER B 194 3.02 13.20 18.07
CA SER B 194 2.25 13.64 19.24
C SER B 194 1.93 12.66 20.35
N SER B 195 1.80 11.37 20.03
CA SER B 195 1.44 10.39 21.04
C SER B 195 1.56 8.94 20.58
N GLY B 196 1.28 8.03 21.50
CA GLY B 196 1.34 6.61 21.19
C GLY B 196 0.29 6.21 20.16
N LEU B 197 -0.92 6.75 20.28
CA LEU B 197 -1.97 6.41 19.34
C LEU B 197 -1.72 6.97 17.94
N GLU B 198 -1.13 8.15 17.85
CA GLU B 198 -0.81 8.68 16.58
C GLU B 198 0.36 7.86 15.97
N ALA B 199 1.29 7.44 16.84
CA ALA B 199 2.42 6.62 16.38
C ALA B 199 1.91 5.32 15.75
N MET B 200 0.88 4.75 16.38
CA MET B 200 0.29 3.54 15.86
C MET B 200 -0.44 3.82 14.54
N ALA B 201 -1.05 5.00 14.44
CA ALA B 201 -1.72 5.38 13.22
C ALA B 201 -0.70 5.55 12.08
N LEU B 202 0.45 6.14 12.42
CA LEU B 202 1.51 6.35 11.46
C LEU B 202 2.08 5.02 10.98
N LYS B 203 2.29 4.10 11.92
CA LYS B 203 2.77 2.79 11.57
C LYS B 203 1.86 2.08 10.56
N SER B 204 0.55 2.08 10.79
CA SER B 204 -0.32 1.43 9.83
C SER B 204 -0.34 2.10 8.44
N THR B 205 -0.09 3.40 8.40
CA THR B 205 -0.04 4.10 7.13
C THR B 205 1.23 3.75 6.30
N ILE B 206 2.38 3.84 6.97
CA ILE B 206 3.68 3.61 6.34
C ILE B 206 4.05 2.16 6.10
N ASP B 207 3.60 1.28 7.00
CA ASP B 207 3.95 -0.11 6.89
C ASP B 207 3.09 -0.87 5.90
N LEU B 208 3.22 -0.52 4.62
CA LEU B 208 2.47 -1.15 3.53
C LEU B 208 2.57 -2.71 3.50
N THR B 209 3.73 -3.27 3.84
CA THR B 209 3.87 -4.75 3.83
C THR B 209 3.49 -5.40 5.17
N CYS B 210 3.14 -4.56 6.13
CA CYS B 210 2.73 -5.00 7.46
C CYS B 210 3.68 -6.00 8.10
N ASN B 211 4.96 -5.67 8.13
CA ASN B 211 5.95 -6.56 8.71
C ASN B 211 6.74 -5.97 9.87
N ASP B 212 6.26 -4.85 10.39
CA ASP B 212 6.90 -4.17 11.51
C ASP B 212 8.29 -3.60 11.18
N TYR B 213 8.58 -3.55 9.89
CA TYR B 213 9.81 -2.99 9.39
C TYR B 213 9.51 -1.89 8.40
N ILE B 214 10.41 -0.93 8.31
CA ILE B 214 10.26 0.15 7.37
C ILE B 214 11.39 0.14 6.31
N SER B 215 11.07 -0.25 5.08
CA SER B 215 12.09 -0.24 4.05
C SER B 215 12.21 1.12 3.41
N VAL B 216 13.36 1.44 2.83
CA VAL B 216 13.51 2.71 2.16
C VAL B 216 12.42 2.94 1.08
N PHE B 217 11.93 1.84 0.51
CA PHE B 217 10.85 1.89 -0.49
C PHE B 217 9.55 2.41 0.14
N GLU B 218 9.15 1.80 1.26
CA GLU B 218 7.96 2.25 1.97
C GLU B 218 8.10 3.70 2.43
N PHE B 219 9.31 4.06 2.83
CA PHE B 219 9.62 5.40 3.26
C PHE B 219 9.40 6.39 2.11
N ASP B 220 9.91 6.02 0.94
CA ASP B 220 9.74 6.85 -0.24
C ASP B 220 8.26 7.06 -0.57
N ILE B 221 7.47 5.99 -0.53
CA ILE B 221 6.05 6.12 -0.83
C ILE B 221 5.33 7.05 0.13
N PHE B 222 5.58 6.88 1.43
CA PHE B 222 4.97 7.73 2.41
C PHE B 222 5.36 9.21 2.24
N THR B 223 6.64 9.48 2.04
CA THR B 223 7.07 10.85 1.88
C THR B 223 6.62 11.50 0.56
N ARG B 224 6.40 10.71 -0.48
CA ARG B 224 5.89 11.33 -1.69
C ARG B 224 4.39 11.67 -1.53
N LEU B 225 3.66 10.75 -0.91
CA LEU B 225 2.24 10.93 -0.67
C LEU B 225 1.93 12.13 0.25
N PHE B 226 2.77 12.29 1.26
CA PHE B 226 2.54 13.32 2.23
C PHE B 226 3.46 14.54 2.23
N GLN B 227 4.10 14.78 1.08
CA GLN B 227 4.96 15.93 0.93
C GLN B 227 4.14 17.22 1.07
N PRO B 228 4.79 18.37 1.33
CA PRO B 228 6.23 18.57 1.50
C PRO B 228 6.82 18.05 2.81
N TRP B 229 8.06 17.59 2.73
CA TRP B 229 8.75 17.09 3.89
C TRP B 229 8.77 18.06 5.08
N SER B 230 8.82 19.35 4.80
CA SER B 230 8.87 20.32 5.89
C SER B 230 7.70 20.19 6.89
N SER B 231 6.51 19.91 6.40
CA SER B 231 5.37 19.74 7.27
C SER B 231 4.78 18.34 7.21
N LEU B 232 5.65 17.36 6.93
CA LEU B 232 5.28 15.98 6.77
C LEU B 232 4.13 15.44 7.64
N LEU B 233 4.31 15.42 8.96
CA LEU B 233 3.28 14.88 9.86
C LEU B 233 2.02 15.73 10.02
N ARG B 234 2.12 17.03 9.77
CA ARG B 234 0.97 17.90 9.82
C ARG B 234 0.09 17.64 8.61
N ASN B 235 0.74 17.42 7.47
CA ASN B 235 0.04 17.12 6.25
C ASN B 235 -0.73 15.81 6.39
N TRP B 236 -0.04 14.79 6.91
CA TRP B 236 -0.60 13.47 7.13
C TRP B 236 -1.79 13.50 8.11
N ASN B 237 -1.64 14.29 9.15
CA ASN B 237 -2.70 14.42 10.12
C ASN B 237 -4.00 15.03 9.53
N SER B 238 -3.80 16.03 8.66
CA SER B 238 -4.91 16.73 8.00
C SER B 238 -5.60 15.96 6.87
N LEU B 239 -4.82 15.21 6.11
CA LEU B 239 -5.31 14.47 4.96
C LEU B 239 -5.74 13.03 5.25
N ALA B 240 -5.23 12.50 6.36
CA ALA B 240 -5.49 11.12 6.71
C ALA B 240 -6.04 10.88 8.10
N VAL B 241 -5.32 11.36 9.12
CA VAL B 241 -5.74 11.12 10.49
C VAL B 241 -7.10 11.67 10.88
N THR B 242 -7.34 12.94 10.56
CA THR B 242 -8.59 13.60 10.89
C THR B 242 -9.54 13.81 9.70
N HIS B 243 -9.16 13.30 8.53
CA HIS B 243 -9.98 13.48 7.35
C HIS B 243 -10.96 12.36 7.06
N PRO B 244 -12.26 12.68 7.09
CA PRO B 244 -13.28 11.64 6.83
C PRO B 244 -13.17 11.02 5.42
N GLY B 245 -12.59 11.77 4.48
CA GLY B 245 -12.45 11.27 3.12
C GLY B 245 -11.40 10.18 2.91
N TYR B 246 -10.34 10.19 3.71
CA TYR B 246 -9.29 9.20 3.57
C TYR B 246 -9.73 7.77 3.85
N MET B 247 -9.37 6.87 2.94
CA MET B 247 -9.71 5.46 3.08
C MET B 247 -8.46 4.57 3.19
N ALA B 248 -8.10 4.22 4.43
CA ALA B 248 -6.91 3.44 4.71
C ALA B 248 -6.58 2.32 3.72
N PHE B 249 -6.97 1.09 4.00
CA PHE B 249 -6.59 0.03 3.05
C PHE B 249 -7.72 -0.36 2.08
N LEU B 250 -8.06 0.55 1.17
CA LEU B 250 -9.12 0.28 0.20
C LEU B 250 -8.68 0.13 -1.24
N THR B 251 -9.38 -0.71 -1.98
CA THR B 251 -9.07 -0.89 -3.39
C THR B 251 -9.99 -0.08 -4.28
N TYR B 252 -9.69 -0.07 -5.56
CA TYR B 252 -10.50 0.62 -6.53
C TYR B 252 -11.96 0.15 -6.50
N ASP B 253 -12.15 -1.16 -6.51
CA ASP B 253 -13.49 -1.72 -6.48
C ASP B 253 -14.26 -1.40 -5.19
N GLU B 254 -13.55 -1.34 -4.07
CA GLU B 254 -14.20 -1.02 -2.81
C GLU B 254 -14.66 0.43 -2.76
N VAL B 255 -13.87 1.34 -3.35
CA VAL B 255 -14.27 2.75 -3.40
C VAL B 255 -15.53 2.91 -4.23
N LYS B 256 -15.55 2.26 -5.38
CA LYS B 256 -16.72 2.30 -6.25
C LYS B 256 -17.95 1.80 -5.50
N ALA B 257 -17.80 0.67 -4.82
CA ALA B 257 -18.89 0.10 -4.03
C ALA B 257 -19.35 1.00 -2.87
N ARG B 258 -18.40 1.64 -2.21
CA ARG B 258 -18.69 2.52 -1.08
C ARG B 258 -19.40 3.81 -1.49
N LEU B 259 -19.12 4.30 -2.68
CA LEU B 259 -19.76 5.50 -3.16
C LEU B 259 -21.16 5.25 -3.74
N GLN B 260 -21.50 3.98 -3.99
CA GLN B 260 -22.81 3.62 -4.52
C GLN B 260 -23.99 4.18 -3.71
N LYS B 261 -23.86 4.20 -2.39
CA LYS B 261 -24.95 4.72 -1.59
C LYS B 261 -25.13 6.22 -1.71
N PHE B 262 -24.14 6.88 -2.30
CA PHE B 262 -24.17 8.31 -2.49
C PHE B 262 -24.37 8.71 -3.95
N ILE B 263 -24.77 7.73 -4.77
CA ILE B 263 -24.99 7.97 -6.18
C ILE B 263 -25.92 9.15 -6.47
N HIS B 264 -26.87 9.40 -5.57
CA HIS B 264 -27.79 10.52 -5.73
C HIS B 264 -27.33 11.80 -5.02
N LYS B 265 -26.13 11.72 -4.44
CA LYS B 265 -25.58 12.87 -3.79
C LYS B 265 -24.28 13.31 -4.48
N PRO B 266 -24.39 13.95 -5.66
CA PRO B 266 -23.19 14.40 -6.37
C PRO B 266 -22.30 15.25 -5.45
N GLY B 267 -20.98 15.13 -5.62
CA GLY B 267 -20.05 15.87 -4.79
C GLY B 267 -19.51 14.96 -3.69
N SER B 268 -20.15 13.80 -3.51
CA SER B 268 -19.66 12.87 -2.54
C SER B 268 -18.33 12.30 -2.99
N TYR B 269 -17.35 12.25 -2.11
CA TYR B 269 -16.05 11.74 -2.49
C TYR B 269 -15.24 11.09 -1.37
N ILE B 270 -14.26 10.31 -1.80
CA ILE B 270 -13.35 9.64 -0.92
C ILE B 270 -11.98 9.45 -1.64
N PHE B 271 -10.91 9.26 -0.88
CA PHE B 271 -9.60 9.08 -1.48
C PHE B 271 -8.71 8.05 -0.77
N ARG B 272 -7.67 7.59 -1.46
CA ARG B 272 -6.80 6.55 -0.97
C ARG B 272 -5.50 6.42 -1.78
N LEU B 273 -4.62 5.54 -1.33
CA LEU B 273 -3.41 5.29 -2.07
C LEU B 273 -3.74 4.45 -3.27
N SER B 274 -3.23 4.85 -4.42
CA SER B 274 -3.41 4.07 -5.60
C SER B 274 -2.62 2.78 -5.46
N CYS B 275 -3.23 1.65 -5.80
CA CYS B 275 -2.56 0.37 -5.72
C CYS B 275 -1.49 0.13 -6.81
N THR B 276 -1.85 0.41 -8.07
CA THR B 276 -0.93 0.20 -9.20
C THR B 276 0.08 1.34 -9.48
N ARG B 277 -0.19 2.49 -8.91
CA ARG B 277 0.70 3.63 -9.04
C ARG B 277 1.16 4.07 -7.63
N LEU B 278 1.73 3.12 -6.88
CA LEU B 278 2.17 3.40 -5.51
C LEU B 278 2.99 4.68 -5.34
N GLY B 279 2.54 5.55 -4.44
CA GLY B 279 3.23 6.81 -4.24
C GLY B 279 2.34 7.93 -4.71
N GLN B 280 1.28 7.55 -5.43
CA GLN B 280 0.32 8.50 -5.91
C GLN B 280 -1.09 8.25 -5.38
N TRP B 281 -1.89 9.32 -5.37
CA TRP B 281 -3.24 9.30 -4.87
C TRP B 281 -4.32 8.97 -5.91
N ALA B 282 -5.42 8.38 -5.43
CA ALA B 282 -6.57 8.05 -6.25
C ALA B 282 -7.84 8.55 -5.59
N ILE B 283 -8.49 9.53 -6.23
CA ILE B 283 -9.70 10.11 -5.71
C ILE B 283 -10.94 9.60 -6.41
N GLY B 284 -11.90 9.12 -5.63
CA GLY B 284 -13.14 8.59 -6.18
C GLY B 284 -14.24 9.58 -5.89
N TYR B 285 -15.14 9.80 -6.84
CA TYR B 285 -16.22 10.75 -6.62
C TYR B 285 -17.48 10.55 -7.47
N VAL B 286 -18.59 11.03 -6.94
CA VAL B 286 -19.90 10.96 -7.58
C VAL B 286 -20.17 12.20 -8.42
N THR B 287 -20.30 12.01 -9.72
CA THR B 287 -20.55 13.13 -10.59
C THR B 287 -21.99 13.59 -10.52
N ALA B 288 -22.27 14.72 -11.16
CA ALA B 288 -23.60 15.24 -11.20
C ALA B 288 -24.48 14.46 -12.17
N ASP B 289 -23.84 13.79 -13.14
CA ASP B 289 -24.55 13.01 -14.15
C ASP B 289 -24.71 11.50 -13.89
N GLY B 290 -24.58 11.11 -12.63
CA GLY B 290 -24.77 9.72 -12.28
C GLY B 290 -23.62 8.76 -12.47
N ASN B 291 -22.40 9.26 -12.58
CA ASN B 291 -21.26 8.39 -12.72
C ASN B 291 -20.35 8.41 -11.50
N ILE B 292 -19.56 7.34 -11.35
CA ILE B 292 -18.59 7.28 -10.28
C ILE B 292 -17.18 7.15 -10.88
N LEU B 293 -16.44 8.24 -10.83
CA LEU B 293 -15.14 8.24 -11.41
C LEU B 293 -14.00 8.28 -10.40
N GLN B 294 -12.85 7.80 -10.85
CA GLN B 294 -11.66 7.85 -10.03
C GLN B 294 -10.51 8.51 -10.81
N THR B 295 -9.79 9.40 -10.12
CA THR B 295 -8.67 10.14 -10.70
C THR B 295 -7.41 10.08 -9.91
N ILE B 296 -6.31 10.29 -10.62
CA ILE B 296 -5.01 10.36 -10.04
C ILE B 296 -4.48 11.79 -10.28
N PRO B 297 -4.41 12.60 -9.22
CA PRO B 297 -3.92 13.97 -9.38
C PRO B 297 -2.49 13.97 -9.94
N HIS B 298 -2.23 14.87 -10.89
CA HIS B 298 -0.90 15.01 -11.47
C HIS B 298 -0.42 16.45 -11.39
N ASN B 299 0.87 16.63 -11.12
CA ASN B 299 1.45 17.96 -11.02
C ASN B 299 0.75 18.85 -9.99
N LYS B 300 0.25 18.21 -8.94
CA LYS B 300 -0.43 18.89 -7.86
C LYS B 300 -0.62 17.97 -6.65
N PRO B 301 -0.14 18.38 -5.46
CA PRO B 301 -0.29 17.56 -4.26
C PRO B 301 -1.77 17.38 -3.92
N LEU B 302 -2.10 16.33 -3.16
CA LEU B 302 -3.49 16.08 -2.78
C LEU B 302 -4.17 17.29 -2.14
N PHE B 303 -3.43 18.03 -1.32
CA PHE B 303 -3.97 19.23 -0.68
C PHE B 303 -4.66 20.13 -1.68
N GLN B 304 -3.93 20.48 -2.73
CA GLN B 304 -4.42 21.35 -3.78
C GLN B 304 -5.57 20.76 -4.60
N ALA B 305 -5.45 19.49 -4.94
CA ALA B 305 -6.50 18.80 -5.69
C ALA B 305 -7.84 18.82 -4.93
N LEU B 306 -7.74 18.62 -3.61
CA LEU B 306 -8.91 18.62 -2.75
C LEU B 306 -9.52 20.01 -2.63
N ILE B 307 -8.66 21.02 -2.50
CA ILE B 307 -9.09 22.41 -2.42
C ILE B 307 -9.75 22.88 -3.71
N ASP B 308 -9.04 22.75 -4.82
CA ASP B 308 -9.60 23.13 -6.10
C ASP B 308 -10.87 22.36 -6.39
N GLY B 309 -10.82 21.07 -6.08
CA GLY B 309 -11.99 20.20 -6.31
C GLY B 309 -13.19 20.68 -5.53
N PHE B 310 -12.99 21.16 -4.30
CA PHE B 310 -14.10 21.65 -3.52
C PHE B 310 -14.67 22.92 -4.14
N ARG B 311 -13.77 23.84 -4.48
CA ARG B 311 -14.14 25.09 -5.10
C ARG B 311 -14.91 24.94 -6.42
N GLU B 312 -14.55 23.93 -7.21
CA GLU B 312 -15.23 23.73 -8.48
C GLU B 312 -16.46 22.84 -8.38
N GLY B 313 -16.81 22.47 -7.14
CA GLY B 313 -17.99 21.66 -6.85
C GLY B 313 -17.90 20.16 -7.09
N PHE B 314 -16.70 19.61 -7.16
CA PHE B 314 -16.53 18.19 -7.42
C PHE B 314 -16.33 17.34 -6.16
N TYR B 315 -15.55 17.87 -5.23
CA TYR B 315 -15.29 17.20 -3.98
C TYR B 315 -15.90 17.99 -2.81
N LEU B 316 -17.18 17.74 -2.58
CA LEU B 316 -17.93 18.46 -1.56
C LEU B 316 -18.26 17.71 -0.26
N PHE B 317 -18.49 16.40 -0.36
CA PHE B 317 -18.90 15.62 0.79
C PHE B 317 -18.04 14.42 1.07
N PRO B 318 -17.06 14.55 1.98
CA PRO B 318 -16.17 13.44 2.31
C PRO B 318 -16.94 12.26 2.86
N ASP B 319 -16.88 11.15 2.14
CA ASP B 319 -17.60 9.96 2.52
C ASP B 319 -19.09 10.22 2.67
N GLY B 320 -19.60 11.14 1.84
CA GLY B 320 -21.01 11.47 1.85
C GLY B 320 -21.41 12.41 2.97
N ARG B 321 -20.45 12.82 3.79
CA ARG B 321 -20.77 13.72 4.90
C ARG B 321 -20.94 15.20 4.47
N ASN B 322 -21.91 15.88 5.09
CA ASN B 322 -22.23 17.26 4.76
C ASN B 322 -21.11 18.27 4.97
N GLN B 323 -20.30 18.05 6.00
CA GLN B 323 -19.19 18.93 6.30
C GLN B 323 -17.88 18.49 5.65
N ASN B 324 -17.15 19.46 5.12
CA ASN B 324 -15.89 19.20 4.46
C ASN B 324 -14.73 19.87 5.24
N PRO B 325 -13.66 19.13 5.53
CA PRO B 325 -12.52 19.70 6.26
C PRO B 325 -11.98 20.95 5.57
N ASP B 326 -11.52 21.92 6.34
CA ASP B 326 -10.94 23.09 5.72
C ASP B 326 -9.42 23.00 5.68
N LEU B 327 -8.91 22.43 4.60
CA LEU B 327 -7.48 22.24 4.45
C LEU B 327 -6.74 23.52 4.09
N THR B 328 -7.47 24.48 3.55
CA THR B 328 -6.93 25.76 3.15
C THR B 328 -6.12 26.50 4.24
N GLY B 329 -5.63 25.74 5.21
CA GLY B 329 -4.85 26.32 6.30
C GLY B 329 -3.99 25.28 6.99
#